data_1S96
#
_entry.id   1S96
#
_cell.length_a   124.552
_cell.length_b   124.552
_cell.length_c   124.552
_cell.angle_alpha   90.00
_cell.angle_beta   90.00
_cell.angle_gamma   90.00
#
_symmetry.space_group_name_H-M   'P 21 3'
#
loop_
_entity.id
_entity.type
_entity.pdbx_description
1 polymer 'Guanylate kinase'
2 non-polymer 'PHOSPHATE ION'
3 non-polymer 'UNKNOWN ATOM OR ION'
4 water water
#
_entity_poly.entity_id   1
_entity_poly.type   'polypeptide(L)'
_entity_poly.pdbx_seq_one_letter_code
;(MSE)GSDKIHHHHHH(MSE)AQGTLYIVSAPSGAGKSSLIQALLKTQPLYDTQVSVSHTTRQPRPGEVHGEHYFFVNHD
EFKE(MSE)ISRDAFLEHAEVFGNYYGTSREAIEQVLATGVDVFLDIDWQGAQQIRQK(MSE)PHARSIFILPPSKIELD
RRLRGRGQDSEEVIAKR(MSE)AQAVAE(MSE)SHYAEYDYLIVNDDFDTALTDLKTIIRAERLR(MSE)SRQKQRHDAL
ISKLLAD
;
_entity_poly.pdbx_strand_id   A,B
#
# COMPACT_ATOMS: atom_id res chain seq x y z
N GLN A 15 -12.59 -4.56 -9.85
CA GLN A 15 -11.71 -5.71 -9.55
C GLN A 15 -10.25 -5.26 -9.69
N GLY A 16 -9.71 -5.18 -10.90
CA GLY A 16 -8.29 -4.80 -11.03
C GLY A 16 -8.03 -3.30 -10.84
N THR A 17 -6.77 -2.89 -10.67
CA THR A 17 -6.46 -1.51 -10.48
C THR A 17 -5.69 -0.99 -11.65
N LEU A 18 -6.01 0.25 -12.07
CA LEU A 18 -5.31 0.96 -13.14
C LEU A 18 -4.16 1.69 -12.49
N TYR A 19 -2.96 1.38 -12.93
CA TYR A 19 -1.77 2.09 -12.44
C TYR A 19 -1.22 2.98 -13.57
N ILE A 20 -1.25 4.25 -13.29
CA ILE A 20 -0.73 5.28 -14.21
C ILE A 20 0.73 5.37 -13.77
N VAL A 21 1.70 5.20 -14.66
CA VAL A 21 3.08 5.32 -14.27
C VAL A 21 3.77 6.38 -15.12
N SER A 22 4.40 7.32 -14.47
CA SER A 22 5.08 8.41 -15.17
C SER A 22 6.42 8.62 -14.58
N ALA A 23 7.27 9.29 -15.35
CA ALA A 23 8.61 9.58 -14.85
C ALA A 23 9.36 10.29 -15.99
N PRO A 24 10.42 11.06 -15.68
CA PRO A 24 11.25 11.74 -16.71
C PRO A 24 12.06 10.57 -17.35
N SER A 25 12.70 10.79 -18.49
CA SER A 25 13.58 9.73 -19.01
C SER A 25 14.70 9.78 -17.97
N GLY A 26 15.42 8.66 -17.82
CA GLY A 26 16.51 8.64 -16.86
C GLY A 26 16.02 8.06 -15.54
N ALA A 27 14.74 7.68 -15.42
CA ALA A 27 14.30 7.11 -14.11
C ALA A 27 14.04 5.61 -14.26
N GLY A 28 14.39 5.05 -15.42
CA GLY A 28 14.25 3.61 -15.65
C GLY A 28 12.86 3.09 -15.72
N LYS A 29 11.90 3.98 -15.95
CA LYS A 29 10.51 3.60 -16.00
C LYS A 29 10.10 2.49 -16.95
N SER A 30 10.44 2.60 -18.24
CA SER A 30 9.97 1.54 -19.15
C SER A 30 10.47 0.13 -18.79
N SER A 31 11.73 0.06 -18.38
CA SER A 31 12.39 -1.19 -18.03
C SER A 31 11.74 -1.79 -16.75
N LEU A 32 11.37 -0.91 -15.81
CA LEU A 32 10.73 -1.34 -14.55
C LEU A 32 9.45 -1.96 -14.91
N ILE A 33 8.66 -1.29 -15.76
CA ILE A 33 7.37 -1.88 -16.15
C ILE A 33 7.59 -3.20 -16.89
N GLN A 34 8.57 -3.21 -17.78
CA GLN A 34 8.82 -4.43 -18.57
C GLN A 34 9.22 -5.60 -17.68
N ALA A 35 10.05 -5.29 -16.71
CA ALA A 35 10.53 -6.34 -15.79
C ALA A 35 9.32 -6.90 -15.02
N LEU A 36 8.40 -6.01 -14.68
CA LEU A 36 7.19 -6.38 -13.99
C LEU A 36 6.41 -7.38 -14.82
N LEU A 37 6.20 -7.09 -16.10
CA LEU A 37 5.46 -8.02 -16.94
C LEU A 37 6.14 -9.37 -17.13
N LYS A 38 7.46 -9.39 -16.92
CA LYS A 38 8.20 -10.62 -17.08
C LYS A 38 7.98 -11.59 -15.94
N THR A 39 7.47 -11.12 -14.82
CA THR A 39 7.29 -12.06 -13.74
C THR A 39 5.89 -12.17 -13.18
N GLN A 40 4.93 -11.59 -13.89
CA GLN A 40 3.60 -11.74 -13.40
C GLN A 40 2.71 -12.30 -14.53
N PRO A 41 1.81 -13.21 -14.18
CA PRO A 41 0.93 -13.77 -15.21
C PRO A 41 0.02 -12.68 -15.80
N LEU A 42 -0.48 -12.95 -16.98
CA LEU A 42 -1.36 -12.02 -17.68
C LEU A 42 -2.67 -11.98 -16.95
N TYR A 43 -2.96 -12.99 -16.10
CA TYR A 43 -4.23 -12.89 -15.38
C TYR A 43 -4.07 -12.06 -14.12
N ASP A 44 -2.85 -11.56 -13.86
CA ASP A 44 -2.70 -10.63 -12.72
C ASP A 44 -2.37 -9.17 -13.17
N THR A 45 -1.48 -9.09 -14.13
CA THR A 45 -0.93 -7.84 -14.61
C THR A 45 -0.75 -7.74 -16.09
N GLN A 46 -1.19 -6.60 -16.68
CA GLN A 46 -1.00 -6.36 -18.13
C GLN A 46 -0.65 -4.90 -18.37
N VAL A 47 -0.06 -4.57 -19.52
CA VAL A 47 0.13 -3.14 -19.83
C VAL A 47 -1.10 -2.72 -20.67
N SER A 48 -1.47 -1.42 -20.71
CA SER A 48 -2.66 -1.02 -21.49
C SER A 48 -2.13 -1.02 -22.94
N VAL A 49 -3.05 -1.16 -23.89
CA VAL A 49 -2.72 -1.17 -25.30
C VAL A 49 -3.37 0.13 -25.80
N SER A 50 -2.57 1.03 -26.33
CA SER A 50 -3.15 2.31 -26.80
C SER A 50 -3.73 2.24 -28.22
N HIS A 51 -4.76 3.05 -28.48
CA HIS A 51 -5.30 3.20 -29.84
C HIS A 51 -4.44 4.20 -30.58
N THR A 52 -4.32 4.04 -31.90
CA THR A 52 -3.50 4.95 -32.72
C THR A 52 -3.85 4.87 -34.19
N THR A 53 -3.65 5.99 -34.90
CA THR A 53 -3.94 6.11 -36.33
C THR A 53 -2.63 5.91 -37.09
N ARG A 54 -1.53 5.94 -36.38
CA ARG A 54 -0.25 5.70 -37.00
C ARG A 54 -0.45 4.38 -37.75
N GLN A 55 0.42 4.10 -38.71
CA GLN A 55 0.30 2.88 -39.50
C GLN A 55 1.07 1.76 -38.85
N PRO A 56 0.46 0.56 -38.76
CA PRO A 56 1.14 -0.57 -38.13
C PRO A 56 2.55 -0.59 -38.66
N ARG A 57 3.48 -1.03 -37.84
CA ARG A 57 4.86 -1.08 -38.28
C ARG A 57 5.37 -2.53 -38.34
N PRO A 58 6.67 -2.71 -38.63
CA PRO A 58 7.18 -4.07 -38.69
C PRO A 58 7.08 -4.86 -37.37
N GLY A 59 6.24 -5.89 -37.38
CA GLY A 59 6.09 -6.70 -36.18
C GLY A 59 4.85 -6.43 -35.35
N GLU A 60 4.38 -5.19 -35.39
CA GLU A 60 3.21 -4.84 -34.62
C GLU A 60 1.94 -5.58 -34.98
N VAL A 61 1.23 -6.00 -33.96
CA VAL A 61 0.02 -6.72 -34.21
C VAL A 61 -1.12 -5.98 -33.59
N HIS A 62 -2.17 -5.76 -34.36
CA HIS A 62 -3.36 -5.11 -33.83
C HIS A 62 -3.63 -5.81 -32.48
N GLY A 63 -4.32 -5.11 -31.58
CA GLY A 63 -4.67 -5.66 -30.26
C GLY A 63 -3.53 -5.98 -29.33
N GLU A 64 -2.29 -5.83 -29.78
CA GLU A 64 -1.18 -6.13 -28.92
C GLU A 64 -0.24 -4.94 -28.74
N HIS A 65 0.30 -4.44 -29.84
CA HIS A 65 1.22 -3.30 -29.74
C HIS A 65 0.40 -2.02 -29.70
N TYR A 66 -0.76 -2.02 -30.38
CA TYR A 66 -1.75 -0.93 -30.37
C TYR A 66 -3.01 -1.44 -30.95
N PHE A 67 -4.09 -0.72 -30.72
CA PHE A 67 -5.32 -1.02 -31.40
C PHE A 67 -5.22 0.00 -32.57
N PHE A 68 -4.88 -0.48 -33.76
CA PHE A 68 -4.80 0.42 -34.92
C PHE A 68 -6.19 0.80 -35.48
N VAL A 69 -6.42 2.10 -35.65
CA VAL A 69 -7.64 2.57 -36.25
C VAL A 69 -7.29 3.80 -37.10
N ASN A 70 -8.21 4.29 -37.92
CA ASN A 70 -7.90 5.45 -38.78
C ASN A 70 -8.49 6.74 -38.19
N HIS A 71 -8.05 7.89 -38.71
CA HIS A 71 -8.53 9.14 -38.16
C HIS A 71 -10.02 9.32 -37.99
N ASP A 72 -10.82 8.75 -38.88
CA ASP A 72 -12.26 8.93 -38.72
C ASP A 72 -12.75 8.13 -37.52
N GLU A 73 -12.19 6.94 -37.32
CA GLU A 73 -12.66 6.14 -36.15
C GLU A 73 -12.22 6.88 -34.88
N PHE A 74 -10.94 7.22 -34.82
CA PHE A 74 -10.41 7.92 -33.64
C PHE A 74 -11.27 9.15 -33.35
N LYS A 75 -11.49 9.99 -34.36
CA LYS A 75 -12.30 11.18 -34.12
C LYS A 75 -13.69 10.82 -33.66
N GLU A 76 -14.25 9.75 -34.22
CA GLU A 76 -15.58 9.43 -33.78
C GLU A 76 -15.48 9.02 -32.31
N ILE A 78 -13.23 10.14 -30.10
CA ILE A 78 -13.15 11.36 -29.34
C ILE A 78 -14.57 11.92 -29.19
N SER A 79 -15.37 12.01 -30.27
CA SER A 79 -16.73 12.60 -30.13
C SER A 79 -17.52 11.91 -29.04
N ARG A 80 -17.28 10.61 -28.92
CA ARG A 80 -17.92 9.80 -27.88
C ARG A 80 -17.19 9.87 -26.54
N ASP A 81 -16.14 10.67 -26.42
CA ASP A 81 -15.39 10.78 -25.16
C ASP A 81 -15.08 9.40 -24.64
N ALA A 82 -14.56 8.60 -25.55
CA ALA A 82 -14.24 7.23 -25.29
C ALA A 82 -12.80 7.05 -24.79
N PHE A 83 -11.99 8.11 -24.76
CA PHE A 83 -10.64 7.99 -24.26
C PHE A 83 -10.44 8.52 -22.90
N LEU A 84 -9.50 7.90 -22.17
CA LEU A 84 -9.17 8.35 -20.81
C LEU A 84 -8.17 9.49 -21.04
N GLU A 85 -7.36 9.36 -22.09
CA GLU A 85 -6.46 10.41 -22.46
C GLU A 85 -6.12 10.20 -23.95
N HIS A 86 -5.81 11.28 -24.66
CA HIS A 86 -5.38 11.10 -26.06
C HIS A 86 -4.55 12.27 -26.41
N ALA A 87 -3.77 12.14 -27.45
CA ALA A 87 -2.87 13.20 -27.82
C ALA A 87 -2.81 13.09 -29.28
N GLU A 88 -2.33 14.16 -29.87
CA GLU A 88 -2.24 14.27 -31.29
C GLU A 88 -0.84 14.70 -31.57
N VAL A 89 -0.06 13.85 -32.21
CA VAL A 89 1.32 14.21 -32.49
C VAL A 89 1.66 13.82 -33.93
N PHE A 90 2.29 14.77 -34.65
CA PHE A 90 2.71 14.61 -36.05
C PHE A 90 1.74 13.90 -36.96
N GLY A 91 0.50 14.36 -36.98
CA GLY A 91 -0.44 13.77 -37.89
C GLY A 91 -1.17 12.57 -37.39
N ASN A 92 -0.78 12.10 -36.21
CA ASN A 92 -1.49 10.95 -35.65
C ASN A 92 -1.99 11.09 -34.24
N TYR A 93 -3.08 10.36 -33.99
CA TYR A 93 -3.70 10.29 -32.71
C TYR A 93 -3.16 9.06 -31.91
N TYR A 94 -3.13 9.16 -30.58
CA TYR A 94 -2.66 8.08 -29.70
C TYR A 94 -3.54 8.28 -28.47
N GLY A 95 -4.11 7.21 -27.93
CA GLY A 95 -4.94 7.42 -26.76
C GLY A 95 -5.26 6.11 -26.11
N THR A 96 -5.86 6.15 -24.95
CA THR A 96 -6.17 4.95 -24.18
C THR A 96 -7.63 4.84 -24.12
N SER A 97 -8.13 3.78 -24.73
CA SER A 97 -9.58 3.62 -24.75
C SER A 97 -10.08 3.28 -23.39
N ARG A 98 -11.14 3.92 -22.97
CA ARG A 98 -11.68 3.67 -21.69
C ARG A 98 -12.30 2.27 -21.65
N GLU A 99 -12.83 1.87 -22.79
CA GLU A 99 -13.48 0.57 -22.88
C GLU A 99 -12.44 -0.49 -22.74
N ALA A 100 -11.37 -0.37 -23.47
CA ALA A 100 -10.34 -1.39 -23.43
C ALA A 100 -9.77 -1.59 -22.02
N ILE A 101 -9.60 -0.49 -21.28
CA ILE A 101 -9.08 -0.53 -19.91
C ILE A 101 -10.11 -1.16 -18.99
N GLU A 102 -11.34 -0.68 -19.03
CA GLU A 102 -12.28 -1.25 -18.09
C GLU A 102 -12.60 -2.72 -18.32
N GLN A 103 -12.44 -3.18 -19.56
CA GLN A 103 -12.69 -4.57 -19.87
C GLN A 103 -11.69 -5.42 -19.14
N VAL A 104 -10.40 -5.06 -19.22
CA VAL A 104 -9.33 -5.77 -18.53
C VAL A 104 -9.50 -5.65 -17.01
N LEU A 105 -9.69 -4.44 -16.50
CA LEU A 105 -9.91 -4.26 -15.06
C LEU A 105 -11.08 -5.09 -14.57
N ALA A 106 -12.09 -5.28 -15.41
CA ALA A 106 -13.28 -5.98 -14.97
C ALA A 106 -12.93 -7.49 -14.87
N THR A 107 -11.81 -7.94 -15.44
CA THR A 107 -11.48 -9.34 -15.29
C THR A 107 -10.51 -9.56 -14.09
N GLY A 108 -10.39 -8.56 -13.22
CA GLY A 108 -9.53 -8.69 -12.03
C GLY A 108 -8.05 -8.47 -12.27
N VAL A 109 -7.70 -8.00 -13.45
CA VAL A 109 -6.31 -7.75 -13.81
C VAL A 109 -5.86 -6.30 -13.54
N ASP A 110 -4.62 -6.15 -13.08
CA ASP A 110 -4.07 -4.81 -12.83
C ASP A 110 -3.47 -4.34 -14.17
N VAL A 111 -3.74 -3.10 -14.54
CA VAL A 111 -3.21 -2.60 -15.79
C VAL A 111 -2.23 -1.47 -15.59
N PHE A 112 -1.08 -1.58 -16.22
CA PHE A 112 -0.12 -0.52 -16.14
C PHE A 112 -0.17 0.36 -17.37
N LEU A 113 -0.28 1.65 -17.13
CA LEU A 113 -0.42 2.65 -18.22
C LEU A 113 0.76 3.66 -18.09
N ASP A 114 1.74 3.53 -18.97
CA ASP A 114 2.94 4.35 -18.96
C ASP A 114 2.49 5.64 -19.70
N ILE A 115 2.61 6.82 -19.11
CA ILE A 115 2.05 8.01 -19.76
C ILE A 115 2.72 9.21 -19.14
N ASP A 116 2.74 10.30 -19.88
CA ASP A 116 3.32 11.56 -19.42
C ASP A 116 2.41 12.23 -18.38
N TRP A 117 2.90 13.30 -17.74
CA TRP A 117 2.09 13.88 -16.71
C TRP A 117 0.77 14.43 -17.18
N GLN A 118 0.71 14.91 -18.42
CA GLN A 118 -0.53 15.52 -18.95
C GLN A 118 -1.55 14.45 -19.18
N GLY A 119 -1.15 13.35 -19.82
CA GLY A 119 -2.10 12.23 -19.97
C GLY A 119 -2.54 11.69 -18.59
N ALA A 120 -1.61 11.66 -17.64
CA ALA A 120 -1.92 11.24 -16.25
C ALA A 120 -2.98 12.11 -15.66
N GLN A 121 -2.88 13.43 -15.85
CA GLN A 121 -3.94 14.27 -15.28
C GLN A 121 -5.30 13.98 -15.94
N GLN A 122 -5.30 13.72 -17.25
CA GLN A 122 -6.54 13.43 -17.98
C GLN A 122 -7.17 12.16 -17.41
N ILE A 123 -6.36 11.13 -17.29
CA ILE A 123 -6.90 9.88 -16.74
C ILE A 123 -7.44 10.03 -15.33
N ARG A 124 -6.72 10.70 -14.44
CA ARG A 124 -7.20 10.81 -13.05
C ARG A 124 -8.54 11.43 -12.90
N GLN A 125 -8.81 12.38 -13.75
CA GLN A 125 -10.06 13.08 -13.64
C GLN A 125 -11.16 12.13 -14.06
N LYS A 126 -10.92 11.31 -15.07
CA LYS A 126 -11.94 10.34 -15.47
C LYS A 126 -11.94 9.02 -14.70
N PRO A 128 -10.98 8.34 -10.99
CA PRO A 128 -10.55 8.69 -9.65
C PRO A 128 -9.95 7.51 -8.91
N HIS A 129 -10.40 6.29 -9.20
CA HIS A 129 -9.87 5.11 -8.52
C HIS A 129 -8.51 4.68 -9.06
N ALA A 130 -8.00 5.31 -10.10
CA ALA A 130 -6.69 4.86 -10.60
C ALA A 130 -5.59 5.29 -9.60
N ARG A 131 -4.47 4.55 -9.56
CA ARG A 131 -3.37 4.88 -8.64
C ARG A 131 -2.24 5.33 -9.54
N SER A 132 -1.48 6.31 -9.12
CA SER A 132 -0.44 6.72 -9.98
C SER A 132 0.89 6.65 -9.25
N ILE A 133 1.89 6.28 -10.02
CA ILE A 133 3.22 6.14 -9.45
C ILE A 133 4.17 7.01 -10.25
N PHE A 134 4.93 7.81 -9.55
CA PHE A 134 5.91 8.61 -10.27
C PHE A 134 7.29 8.05 -9.91
N ILE A 135 8.21 7.97 -10.89
CA ILE A 135 9.54 7.44 -10.58
C ILE A 135 10.61 8.49 -10.84
N LEU A 136 11.50 8.65 -9.89
CA LEU A 136 12.54 9.63 -9.97
C LEU A 136 13.88 9.03 -10.00
N PRO A 137 14.85 9.74 -10.58
CA PRO A 137 16.27 9.34 -10.65
C PRO A 137 16.75 9.61 -9.22
N PRO A 138 17.94 9.09 -8.82
CA PRO A 138 18.38 9.30 -7.45
C PRO A 138 19.19 10.51 -7.07
N SER A 139 19.56 11.33 -8.04
CA SER A 139 20.34 12.54 -7.80
C SER A 139 20.47 13.27 -9.18
N LYS A 140 20.83 14.53 -9.15
CA LYS A 140 20.92 15.31 -10.38
C LYS A 140 22.02 14.74 -11.28
N ILE A 141 23.16 14.45 -10.66
CA ILE A 141 24.34 13.87 -11.37
C ILE A 141 23.97 12.51 -11.97
N GLU A 142 23.26 11.66 -11.23
CA GLU A 142 22.94 10.34 -11.85
C GLU A 142 21.91 10.57 -12.94
N LEU A 143 20.98 11.54 -12.74
CA LEU A 143 20.00 11.75 -13.88
C LEU A 143 20.77 12.23 -15.16
N ASP A 144 21.68 13.15 -14.95
CA ASP A 144 22.48 13.67 -16.05
C ASP A 144 23.21 12.47 -16.71
N ARG A 145 23.87 11.65 -15.89
CA ARG A 145 24.58 10.49 -16.44
C ARG A 145 23.67 9.60 -17.22
N ARG A 146 22.48 9.30 -16.71
CA ARG A 146 21.66 8.39 -17.48
C ARG A 146 21.17 9.03 -18.80
N LEU A 147 20.82 10.31 -18.74
CA LEU A 147 20.36 11.04 -19.97
C LEU A 147 21.52 11.04 -21.01
N ARG A 148 22.77 11.18 -20.58
CA ARG A 148 23.81 11.13 -21.62
C ARG A 148 23.98 9.77 -22.30
N GLY A 149 23.53 8.69 -21.65
CA GLY A 149 23.58 7.37 -22.25
C GLY A 149 24.95 6.91 -22.70
N ARG A 150 25.11 6.53 -23.98
CA ARG A 150 26.42 6.09 -24.53
C ARG A 150 27.38 7.26 -24.58
N GLY A 151 26.83 8.46 -24.46
CA GLY A 151 27.68 9.62 -24.44
C GLY A 151 28.03 10.17 -25.80
N GLN A 152 27.22 9.89 -26.80
CA GLN A 152 27.51 10.44 -28.12
C GLN A 152 26.58 11.59 -28.53
N ASP A 153 26.26 12.50 -27.60
CA ASP A 153 25.37 13.63 -27.91
C ASP A 153 25.96 14.95 -27.51
N SER A 154 25.49 16.01 -28.16
CA SER A 154 25.99 17.37 -27.90
C SER A 154 25.43 17.88 -26.61
N GLU A 155 26.09 18.86 -26.02
CA GLU A 155 25.63 19.43 -24.77
C GLU A 155 24.28 20.11 -24.90
N GLU A 156 23.94 20.40 -26.15
CA GLU A 156 22.70 21.05 -26.50
C GLU A 156 21.57 20.07 -26.39
N VAL A 157 21.76 18.88 -26.95
CA VAL A 157 20.75 17.84 -26.92
C VAL A 157 20.58 17.40 -25.44
N ILE A 158 21.70 17.32 -24.70
CA ILE A 158 21.64 16.92 -23.31
C ILE A 158 20.92 17.97 -22.51
N ALA A 159 21.27 19.24 -22.69
CA ALA A 159 20.53 20.29 -21.96
C ALA A 159 19.05 20.24 -22.31
N LYS A 160 18.73 19.86 -23.54
CA LYS A 160 17.33 19.78 -23.85
C LYS A 160 16.68 18.57 -23.12
N ARG A 161 17.40 17.45 -23.06
CA ARG A 161 16.85 16.26 -22.39
C ARG A 161 16.63 16.58 -20.94
N ALA A 163 16.12 19.55 -19.57
CA ALA A 163 14.98 20.48 -19.39
C ALA A 163 13.69 19.75 -19.45
N GLN A 164 13.62 18.80 -20.36
CA GLN A 164 12.43 18.06 -20.53
C GLN A 164 12.23 17.17 -19.27
N ALA A 165 13.32 16.65 -18.72
CA ALA A 165 13.22 15.79 -17.52
C ALA A 165 12.74 16.66 -16.38
N VAL A 166 13.28 17.88 -16.26
CA VAL A 166 12.89 18.76 -15.16
C VAL A 166 11.41 19.12 -15.24
N ALA A 167 10.93 19.41 -16.45
CA ALA A 167 9.52 19.76 -16.64
C ALA A 167 8.64 18.58 -16.20
N GLU A 168 9.05 17.36 -16.56
CA GLU A 168 8.26 16.17 -16.17
C GLU A 168 8.29 16.01 -14.64
N SER A 170 8.64 18.21 -12.36
CA SER A 170 7.99 19.24 -11.54
C SER A 170 6.54 18.80 -11.24
N HIS A 171 6.03 17.78 -11.92
CA HIS A 171 4.67 17.35 -11.62
C HIS A 171 4.63 16.18 -10.67
N TYR A 172 5.73 15.84 -10.07
CA TYR A 172 5.70 14.57 -9.29
C TYR A 172 4.71 14.55 -8.17
N ALA A 173 4.42 15.70 -7.57
CA ALA A 173 3.55 15.73 -6.44
C ALA A 173 2.12 15.40 -6.75
N GLU A 174 1.78 15.29 -8.03
CA GLU A 174 0.38 15.01 -8.37
C GLU A 174 0.10 13.50 -8.27
N TYR A 175 1.11 12.72 -7.93
CA TYR A 175 0.96 11.27 -7.92
C TYR A 175 0.75 10.65 -6.52
N ASP A 176 0.23 9.43 -6.47
CA ASP A 176 -0.06 8.75 -5.19
C ASP A 176 1.17 8.15 -4.51
N TYR A 177 2.08 7.65 -5.33
CA TYR A 177 3.32 7.03 -4.87
C TYR A 177 4.55 7.59 -5.57
N LEU A 178 5.68 7.58 -4.86
CA LEU A 178 6.95 7.98 -5.48
C LEU A 178 7.96 6.87 -5.28
N ILE A 179 8.63 6.44 -6.35
CA ILE A 179 9.73 5.47 -6.22
C ILE A 179 10.98 6.24 -6.63
N VAL A 180 12.04 6.16 -5.84
CA VAL A 180 13.29 6.83 -6.25
C VAL A 180 14.12 5.69 -6.75
N ASN A 181 14.34 5.63 -8.05
CA ASN A 181 15.05 4.51 -8.64
C ASN A 181 16.56 4.69 -8.64
N ASP A 182 17.17 4.31 -7.51
CA ASP A 182 18.62 4.43 -7.34
C ASP A 182 19.15 3.11 -7.87
N ASP A 183 18.94 2.06 -7.09
CA ASP A 183 19.32 0.71 -7.51
C ASP A 183 18.18 0.09 -8.24
N PHE A 184 18.41 -0.42 -9.43
CA PHE A 184 17.30 -0.94 -10.18
C PHE A 184 16.47 -2.01 -9.52
N ASP A 185 17.15 -2.98 -8.93
CA ASP A 185 16.42 -4.04 -8.31
C ASP A 185 15.59 -3.54 -7.15
N THR A 186 16.15 -2.66 -6.34
CA THR A 186 15.41 -2.12 -5.24
C THR A 186 14.18 -1.34 -5.77
N ALA A 187 14.26 -0.74 -6.96
CA ALA A 187 13.13 0.02 -7.41
C ALA A 187 12.13 -0.93 -7.88
N LEU A 188 12.59 -2.03 -8.45
CA LEU A 188 11.60 -2.96 -8.90
C LEU A 188 10.80 -3.59 -7.72
N THR A 189 11.52 -3.81 -6.62
CA THR A 189 10.89 -4.37 -5.43
C THR A 189 9.88 -3.37 -4.89
N ASP A 190 10.21 -2.07 -4.97
CA ASP A 190 9.26 -1.03 -4.57
C ASP A 190 8.00 -1.11 -5.38
N LEU A 191 8.13 -1.24 -6.68
CA LEU A 191 6.96 -1.33 -7.53
C LEU A 191 6.11 -2.57 -7.15
N LYS A 192 6.77 -3.70 -7.03
CA LYS A 192 6.08 -4.89 -6.62
C LYS A 192 5.43 -4.74 -5.26
N THR A 193 6.10 -4.05 -4.34
CA THR A 193 5.50 -3.84 -3.02
C THR A 193 4.22 -3.04 -3.15
N ILE A 194 4.23 -2.00 -4.00
CA ILE A 194 3.01 -1.24 -4.15
C ILE A 194 1.85 -2.09 -4.61
N ILE A 195 2.09 -2.87 -5.62
CA ILE A 195 1.05 -3.67 -6.22
C ILE A 195 0.56 -4.73 -5.21
N ARG A 196 1.47 -5.37 -4.48
CA ARG A 196 1.08 -6.39 -3.48
C ARG A 196 0.27 -5.71 -2.34
N ALA A 197 0.74 -4.57 -1.83
CA ALA A 197 0.01 -3.86 -0.74
C ALA A 197 -1.38 -3.50 -1.22
N GLU A 198 -1.50 -3.00 -2.45
CA GLU A 198 -2.85 -2.65 -2.96
C GLU A 198 -3.72 -3.87 -2.99
N ARG A 199 -3.14 -4.99 -3.39
CA ARG A 199 -3.94 -6.22 -3.38
C ARG A 199 -4.29 -6.71 -1.97
N LEU A 200 -3.67 -6.16 -0.93
CA LEU A 200 -4.00 -6.57 0.45
C LEU A 200 -5.09 -5.72 1.02
N ARG A 201 -5.51 -4.70 0.27
CA ARG A 201 -6.62 -3.86 0.75
C ARG A 201 -7.89 -4.72 0.88
N SER A 203 -10.97 -4.09 0.13
CA SER A 203 -11.88 -4.16 -1.04
C SER A 203 -11.50 -5.35 -1.91
N ARG A 204 -10.21 -5.56 -2.12
CA ARG A 204 -9.88 -6.71 -2.97
C ARG A 204 -9.78 -8.00 -2.21
N GLN A 205 -9.28 -7.95 -0.97
CA GLN A 205 -9.14 -9.17 -0.26
C GLN A 205 -10.47 -9.77 0.06
N LYS A 206 -11.46 -8.96 0.45
CA LYS A 206 -12.73 -9.55 0.83
C LYS A 206 -13.44 -10.28 -0.33
N GLN A 207 -13.07 -9.95 -1.54
CA GLN A 207 -13.64 -10.59 -2.71
C GLN A 207 -12.81 -11.86 -2.99
N ARG A 208 -11.48 -11.72 -2.96
CA ARG A 208 -10.58 -12.83 -3.22
C ARG A 208 -10.81 -13.97 -2.22
N HIS A 209 -11.10 -13.63 -0.97
CA HIS A 209 -11.22 -14.68 0.05
C HIS A 209 -12.61 -14.93 0.53
N ASP A 210 -13.53 -14.47 -0.26
CA ASP A 210 -14.92 -14.60 0.09
C ASP A 210 -15.32 -16.01 0.62
N ALA A 211 -14.89 -17.07 -0.09
CA ALA A 211 -15.24 -18.45 0.29
C ALA A 211 -14.54 -18.81 1.62
N LEU A 212 -13.23 -18.49 1.74
CA LEU A 212 -12.52 -18.71 3.00
C LEU A 212 -13.24 -17.97 4.13
N ILE A 213 -13.46 -16.67 3.94
CA ILE A 213 -14.10 -15.90 5.00
C ILE A 213 -15.45 -16.54 5.36
N SER A 214 -16.24 -16.88 4.37
CA SER A 214 -17.51 -17.51 4.68
C SER A 214 -17.32 -18.85 5.47
N LYS A 215 -16.31 -19.67 5.16
CA LYS A 215 -16.12 -20.89 5.98
C LYS A 215 -15.66 -20.51 7.38
N LEU A 216 -14.78 -19.49 7.52
CA LEU A 216 -14.34 -19.13 8.89
C LEU A 216 -15.50 -18.69 9.77
N LEU A 217 -16.46 -17.98 9.21
CA LEU A 217 -17.56 -17.47 10.03
C LEU A 217 -18.64 -18.53 10.31
N ALA A 218 -18.71 -19.53 9.44
CA ALA A 218 -19.69 -20.63 9.56
C ALA A 218 -19.55 -21.48 10.79
N ASP A 219 -20.70 -22.05 11.17
CA ASP A 219 -20.94 -23.00 12.29
C ASP A 219 -21.49 -22.40 13.57
N GLN B 15 3.29 12.71 10.78
CA GLN B 15 4.51 12.14 10.17
C GLN B 15 4.39 10.59 10.16
N GLY B 16 4.47 9.90 11.31
CA GLY B 16 4.37 8.44 11.25
C GLY B 16 2.92 8.00 11.06
N THR B 17 2.63 6.72 10.82
CA THR B 17 1.27 6.25 10.66
C THR B 17 0.96 5.29 11.84
N LEU B 18 -0.24 5.43 12.39
CA LEU B 18 -0.71 4.59 13.46
C LEU B 18 -1.35 3.37 12.79
N TYR B 19 -0.82 2.19 13.08
CA TYR B 19 -1.40 0.96 12.51
C TYR B 19 -2.14 0.20 13.63
N ILE B 20 -3.44 0.11 13.43
CA ILE B 20 -4.31 -0.63 14.31
C ILE B 20 -4.19 -2.07 13.80
N VAL B 21 -3.82 -3.02 14.66
CA VAL B 21 -3.72 -4.45 14.17
C VAL B 21 -4.65 -5.31 15.05
N SER B 22 -5.54 -6.08 14.45
CA SER B 22 -6.47 -6.90 15.21
C SER B 22 -6.54 -8.26 14.51
N ALA B 23 -7.05 -9.24 15.22
CA ALA B 23 -7.18 -10.60 14.70
C ALA B 23 -7.72 -11.45 15.84
N PRO B 24 -8.36 -12.55 15.48
CA PRO B 24 -8.89 -13.52 16.48
C PRO B 24 -7.63 -14.20 16.99
N SER B 25 -7.66 -14.86 18.17
CA SER B 25 -6.53 -15.69 18.59
C SER B 25 -6.45 -16.73 17.45
N GLY B 26 -5.28 -17.31 17.24
CA GLY B 26 -5.09 -18.29 16.18
C GLY B 26 -4.68 -17.71 14.83
N ALA B 27 -4.40 -16.40 14.72
CA ALA B 27 -3.99 -15.83 13.41
C ALA B 27 -2.52 -15.44 13.44
N GLY B 28 -1.88 -15.75 14.57
CA GLY B 28 -0.45 -15.44 14.76
C GLY B 28 -0.16 -13.93 14.83
N LYS B 29 -1.15 -13.13 15.18
CA LYS B 29 -0.97 -11.70 15.21
C LYS B 29 0.14 -11.22 16.11
N SER B 30 0.15 -11.66 17.36
CA SER B 30 1.17 -11.17 18.30
C SER B 30 2.64 -11.39 17.87
N SER B 31 2.89 -12.58 17.37
CA SER B 31 4.14 -13.03 16.85
C SER B 31 4.54 -12.18 15.62
N LEU B 32 3.56 -11.93 14.73
CA LEU B 32 3.84 -11.19 13.53
C LEU B 32 4.29 -9.81 13.93
N ILE B 33 3.68 -9.23 14.94
CA ILE B 33 4.10 -7.92 15.32
C ILE B 33 5.48 -7.98 15.97
N GLN B 34 5.69 -8.99 16.80
CA GLN B 34 6.99 -9.08 17.47
C GLN B 34 8.07 -9.28 16.39
N ALA B 35 7.77 -10.10 15.41
CA ALA B 35 8.74 -10.35 14.38
C ALA B 35 9.04 -9.02 13.67
N LEU B 36 8.03 -8.19 13.50
CA LEU B 36 8.29 -6.88 12.88
C LEU B 36 9.27 -6.01 13.71
N LEU B 37 9.03 -5.83 15.01
CA LEU B 37 9.93 -5.03 15.83
C LEU B 37 11.38 -5.54 15.88
N LYS B 38 11.59 -6.83 15.68
CA LYS B 38 12.94 -7.33 15.71
C LYS B 38 13.73 -6.88 14.50
N THR B 39 13.07 -6.41 13.45
CA THR B 39 13.85 -6.06 12.29
C THR B 39 13.78 -4.63 11.85
N GLN B 40 13.09 -3.80 12.62
CA GLN B 40 13.01 -2.40 12.28
C GLN B 40 13.55 -1.54 13.41
N PRO B 41 14.28 -0.47 13.08
CA PRO B 41 14.84 0.42 14.12
C PRO B 41 13.69 1.17 14.82
N LEU B 42 13.93 1.56 16.06
CA LEU B 42 12.92 2.24 16.84
C LEU B 42 12.62 3.59 16.25
N TYR B 43 13.51 4.11 15.41
CA TYR B 43 13.19 5.42 14.81
C TYR B 43 12.30 5.25 13.61
N ASP B 44 12.01 4.01 13.24
CA ASP B 44 11.01 3.80 12.19
C ASP B 44 9.68 3.23 12.69
N THR B 45 9.82 2.23 13.56
CA THR B 45 8.67 1.47 13.98
C THR B 45 8.65 1.22 15.50
N GLN B 46 7.53 1.46 16.19
CA GLN B 46 7.45 1.20 17.65
C GLN B 46 6.10 0.60 17.99
N VAL B 47 6.02 -0.15 19.09
CA VAL B 47 4.70 -0.65 19.47
C VAL B 47 4.10 0.40 20.43
N SER B 48 2.78 0.49 20.44
CA SER B 48 2.02 1.32 21.34
C SER B 48 2.32 0.92 22.79
N VAL B 49 2.42 1.87 23.70
CA VAL B 49 2.63 1.58 25.11
C VAL B 49 1.28 1.95 25.78
N SER B 50 0.60 0.99 26.41
CA SER B 50 -0.69 1.30 26.99
C SER B 50 -0.58 1.77 28.43
N HIS B 51 -1.64 2.45 28.88
CA HIS B 51 -1.75 2.83 30.30
C HIS B 51 -2.44 1.63 30.94
N THR B 52 -2.07 1.36 32.17
CA THR B 52 -2.77 0.32 32.89
C THR B 52 -2.83 0.70 34.37
N THR B 53 -3.81 0.13 35.09
CA THR B 53 -3.98 0.39 36.52
C THR B 53 -3.40 -0.77 37.25
N ARG B 54 -3.04 -1.84 36.56
CA ARG B 54 -2.42 -2.94 37.31
C ARG B 54 -1.06 -2.51 37.79
N GLN B 55 -0.57 -3.22 38.79
CA GLN B 55 0.68 -2.91 39.41
C GLN B 55 1.86 -3.31 38.56
N PRO B 56 2.92 -2.47 38.58
CA PRO B 56 4.10 -2.82 37.78
C PRO B 56 4.67 -4.07 38.38
N ARG B 57 5.25 -4.96 37.57
CA ARG B 57 5.86 -6.20 38.05
C ARG B 57 7.33 -6.00 37.99
N PRO B 58 8.12 -6.94 38.55
CA PRO B 58 9.58 -6.76 38.51
C PRO B 58 10.06 -6.61 37.09
N GLY B 59 11.04 -5.73 36.87
CA GLY B 59 11.55 -5.55 35.53
C GLY B 59 10.77 -4.55 34.67
N GLU B 60 9.49 -4.35 34.94
CA GLU B 60 8.75 -3.44 34.10
C GLU B 60 9.12 -2.00 34.37
N VAL B 61 9.13 -1.21 33.31
CA VAL B 61 9.46 0.18 33.40
C VAL B 61 8.33 1.04 32.88
N HIS B 62 7.98 2.06 33.66
CA HIS B 62 6.94 2.98 33.33
C HIS B 62 7.32 3.67 32.03
N GLY B 63 6.36 3.78 31.09
CA GLY B 63 6.69 4.42 29.82
C GLY B 63 7.30 3.42 28.85
N GLU B 64 7.72 2.25 29.33
CA GLU B 64 8.26 1.25 28.42
C GLU B 64 7.30 0.04 28.25
N HIS B 65 6.99 -0.65 29.34
CA HIS B 65 6.07 -1.82 29.23
C HIS B 65 4.65 -1.32 29.32
N TYR B 66 4.40 -0.32 30.16
CA TYR B 66 3.10 0.30 30.27
C TYR B 66 3.31 1.63 30.93
N PHE B 67 2.35 2.55 30.79
CA PHE B 67 2.35 3.70 31.68
C PHE B 67 1.46 3.20 32.88
N PHE B 68 2.03 3.23 34.06
CA PHE B 68 1.36 2.72 35.29
C PHE B 68 0.73 3.83 36.06
N VAL B 69 -0.61 3.81 36.10
CA VAL B 69 -1.38 4.77 36.84
C VAL B 69 -2.29 3.98 37.80
N ASN B 70 -2.94 4.72 38.71
CA ASN B 70 -3.84 4.07 39.68
C ASN B 70 -5.22 4.25 39.09
N HIS B 71 -6.22 3.63 39.71
CA HIS B 71 -7.57 3.70 39.18
C HIS B 71 -8.22 5.09 39.09
N ASP B 72 -7.86 6.00 40.00
CA ASP B 72 -8.49 7.34 39.97
C ASP B 72 -7.90 8.13 38.82
N GLU B 73 -6.57 8.06 38.70
CA GLU B 73 -5.85 8.72 37.60
C GLU B 73 -6.44 8.25 36.27
N PHE B 74 -6.62 6.95 36.13
CA PHE B 74 -7.19 6.42 34.89
C PHE B 74 -8.59 6.97 34.70
N LYS B 75 -9.41 6.98 35.75
CA LYS B 75 -10.75 7.49 35.52
C LYS B 75 -10.72 8.98 35.23
N GLU B 76 -9.77 9.68 35.87
CA GLU B 76 -9.65 11.10 35.58
C GLU B 76 -9.30 11.20 34.10
N ILE B 78 -9.96 9.35 31.71
CA ILE B 78 -11.09 9.04 30.90
C ILE B 78 -12.00 10.24 30.84
N SER B 79 -12.10 10.97 31.95
CA SER B 79 -13.02 12.11 32.03
C SER B 79 -12.54 13.20 31.11
N ARG B 80 -11.24 13.35 30.95
CA ARG B 80 -10.78 14.37 30.01
C ARG B 80 -10.61 13.78 28.58
N ASP B 81 -11.21 12.62 28.33
CA ASP B 81 -11.17 11.95 27.01
C ASP B 81 -9.69 11.80 26.54
N ALA B 82 -8.81 11.45 27.44
CA ALA B 82 -7.39 11.31 27.16
C ALA B 82 -7.03 10.01 26.41
N PHE B 83 -7.99 9.09 26.27
CA PHE B 83 -7.72 7.79 25.62
C PHE B 83 -8.30 7.61 24.26
N LEU B 84 -7.55 6.95 23.34
CA LEU B 84 -8.11 6.65 22.01
C LEU B 84 -9.10 5.47 22.20
N GLU B 85 -8.76 4.60 23.14
CA GLU B 85 -9.58 3.45 23.52
C GLU B 85 -9.19 3.06 24.95
N HIS B 86 -10.07 2.40 25.69
CA HIS B 86 -9.78 1.88 27.03
C HIS B 86 -10.83 0.86 27.28
N ALA B 87 -10.53 -0.07 28.17
CA ALA B 87 -11.44 -1.15 28.45
C ALA B 87 -11.06 -1.63 29.83
N GLU B 88 -11.98 -2.33 30.49
CA GLU B 88 -11.69 -2.85 31.83
C GLU B 88 -11.56 -4.32 31.59
N VAL B 89 -10.51 -4.89 32.12
CA VAL B 89 -10.24 -6.29 31.93
C VAL B 89 -9.75 -6.91 33.20
N PHE B 90 -10.57 -7.78 33.79
CA PHE B 90 -10.19 -8.48 35.04
C PHE B 90 -9.87 -7.47 36.14
N GLY B 91 -10.86 -6.60 36.40
CA GLY B 91 -10.70 -5.59 37.44
C GLY B 91 -9.51 -4.62 37.34
N ASN B 92 -9.08 -4.31 36.10
CA ASN B 92 -8.02 -3.35 35.83
C ASN B 92 -8.33 -2.67 34.53
N TYR B 93 -7.98 -1.39 34.40
CA TYR B 93 -8.30 -0.70 33.14
C TYR B 93 -7.05 -0.69 32.25
N TYR B 94 -7.22 -0.76 30.93
CA TYR B 94 -6.02 -0.70 30.04
C TYR B 94 -6.47 0.28 28.98
N GLY B 95 -5.59 1.15 28.49
CA GLY B 95 -6.08 2.07 27.49
C GLY B 95 -4.93 2.64 26.69
N THR B 96 -5.24 3.24 25.55
CA THR B 96 -4.18 3.83 24.76
C THR B 96 -4.30 5.36 24.80
N SER B 97 -3.29 5.96 25.39
CA SER B 97 -3.29 7.39 25.54
C SER B 97 -3.15 8.16 24.22
N ARG B 98 -4.03 9.08 23.98
CA ARG B 98 -3.93 9.87 22.76
C ARG B 98 -2.60 10.61 22.72
N GLU B 99 -2.28 11.28 23.80
CA GLU B 99 -1.06 12.03 23.81
C GLU B 99 0.15 11.17 23.51
N ALA B 100 0.28 10.02 24.19
CA ALA B 100 1.40 9.14 23.97
C ALA B 100 1.53 8.73 22.48
N ILE B 101 0.41 8.38 21.86
CA ILE B 101 0.44 7.96 20.47
C ILE B 101 0.87 9.14 19.64
N GLU B 102 0.33 10.32 19.88
CA GLU B 102 0.68 11.48 19.02
C GLU B 102 2.08 11.96 19.14
N GLN B 103 2.63 11.87 20.33
CA GLN B 103 4.01 12.29 20.49
C GLN B 103 4.91 11.39 19.66
N VAL B 104 4.65 10.10 19.63
CA VAL B 104 5.50 9.19 18.86
C VAL B 104 5.28 9.41 17.40
N LEU B 105 4.04 9.46 16.94
CA LEU B 105 3.81 9.71 15.50
C LEU B 105 4.45 11.02 15.07
N ALA B 106 4.42 12.04 15.93
CA ALA B 106 4.98 13.36 15.54
C ALA B 106 6.50 13.25 15.33
N THR B 107 7.11 12.16 15.74
CA THR B 107 8.56 12.00 15.54
C THR B 107 8.83 11.26 14.25
N GLY B 108 7.76 10.97 13.52
CA GLY B 108 7.89 10.26 12.24
C GLY B 108 7.94 8.75 12.38
N VAL B 109 7.69 8.23 13.57
CA VAL B 109 7.75 6.77 13.80
C VAL B 109 6.39 6.14 13.56
N ASP B 110 6.35 4.99 12.92
CA ASP B 110 5.08 4.29 12.71
C ASP B 110 4.74 3.50 14.02
N VAL B 111 3.48 3.48 14.43
CA VAL B 111 3.18 2.81 15.69
C VAL B 111 2.21 1.68 15.43
N PHE B 112 2.45 0.52 16.06
CA PHE B 112 1.56 -0.65 15.87
C PHE B 112 0.81 -0.82 17.23
N LEU B 113 -0.51 -0.80 17.13
CA LEU B 113 -1.40 -0.82 18.29
C LEU B 113 -2.23 -2.07 18.14
N ASP B 114 -1.86 -3.11 18.88
CA ASP B 114 -2.52 -4.42 18.82
C ASP B 114 -3.82 -4.23 19.68
N ILE B 115 -5.01 -4.44 19.12
CA ILE B 115 -6.21 -4.15 19.88
C ILE B 115 -7.37 -4.97 19.31
N ASP B 116 -8.42 -5.21 20.10
CA ASP B 116 -9.56 -5.96 19.62
C ASP B 116 -10.37 -5.04 18.74
N TRP B 117 -11.44 -5.58 18.15
CA TRP B 117 -12.22 -4.83 17.22
C TRP B 117 -12.95 -3.67 17.88
N GLN B 118 -13.20 -3.79 19.16
CA GLN B 118 -13.96 -2.74 19.87
C GLN B 118 -13.12 -1.50 20.03
N GLY B 119 -11.94 -1.69 20.58
CA GLY B 119 -11.02 -0.58 20.71
C GLY B 119 -10.61 -0.06 19.34
N ALA B 120 -10.51 -0.92 18.32
CA ALA B 120 -10.16 -0.49 16.98
C ALA B 120 -11.28 0.47 16.52
N GLN B 121 -12.54 0.14 16.78
CA GLN B 121 -13.57 1.08 16.38
C GLN B 121 -13.43 2.40 17.13
N GLN B 122 -13.05 2.35 18.39
CA GLN B 122 -12.95 3.60 19.16
C GLN B 122 -11.84 4.46 18.57
N ILE B 123 -10.70 3.85 18.33
CA ILE B 123 -9.57 4.55 17.73
C ILE B 123 -9.87 5.20 16.40
N ARG B 124 -10.48 4.46 15.49
CA ARG B 124 -10.80 5.00 14.21
C ARG B 124 -11.68 6.27 14.26
N GLN B 125 -12.54 6.37 15.24
CA GLN B 125 -13.43 7.51 15.41
C GLN B 125 -12.64 8.72 15.82
N LYS B 126 -11.58 8.55 16.56
CA LYS B 126 -10.76 9.69 16.91
C LYS B 126 -9.55 9.92 15.97
N PRO B 128 -8.98 9.14 12.16
CA PRO B 128 -9.47 8.80 10.82
C PRO B 128 -8.37 8.42 9.92
N HIS B 129 -7.20 8.97 10.19
CA HIS B 129 -6.00 8.66 9.41
C HIS B 129 -5.29 7.34 9.88
N ALA B 130 -5.75 6.71 10.97
CA ALA B 130 -5.09 5.48 11.45
C ALA B 130 -5.34 4.43 10.43
N ARG B 131 -4.33 3.60 10.11
CA ARG B 131 -4.60 2.53 9.16
C ARG B 131 -4.91 1.26 10.00
N SER B 132 -5.71 0.31 9.49
CA SER B 132 -5.95 -0.84 10.36
C SER B 132 -5.76 -2.14 9.55
N ILE B 133 -5.20 -3.17 10.20
CA ILE B 133 -4.90 -4.36 9.41
C ILE B 133 -5.55 -5.51 10.18
N PHE B 134 -6.29 -6.37 9.49
CA PHE B 134 -6.89 -7.51 10.19
C PHE B 134 -6.16 -8.76 9.71
N ILE B 135 -5.93 -9.74 10.60
CA ILE B 135 -5.17 -10.90 10.20
C ILE B 135 -6.05 -12.09 10.44
N LEU B 136 -6.17 -12.94 9.46
CA LEU B 136 -7.00 -14.10 9.55
C LEU B 136 -6.21 -15.37 9.49
N PRO B 137 -6.80 -16.46 9.98
CA PRO B 137 -6.13 -17.76 9.92
C PRO B 137 -6.44 -18.25 8.51
N PRO B 138 -5.78 -19.31 8.08
CA PRO B 138 -6.09 -19.69 6.71
C PRO B 138 -7.17 -20.67 6.38
N SER B 139 -7.81 -21.24 7.39
CA SER B 139 -8.87 -22.18 7.13
C SER B 139 -9.48 -22.42 8.49
N LYS B 140 -10.66 -23.04 8.54
CA LYS B 140 -11.32 -23.28 9.80
C LYS B 140 -10.50 -24.32 10.59
N ILE B 141 -10.00 -25.29 9.84
CA ILE B 141 -9.26 -26.40 10.47
C ILE B 141 -7.98 -25.86 11.04
N GLU B 142 -7.27 -25.01 10.31
CA GLU B 142 -6.02 -24.52 10.91
C GLU B 142 -6.32 -23.58 12.11
N LEU B 143 -7.37 -22.79 12.02
CA LEU B 143 -7.72 -21.91 13.16
C LEU B 143 -8.00 -22.80 14.37
N ASP B 144 -8.79 -23.88 14.16
CA ASP B 144 -9.09 -24.78 15.30
C ASP B 144 -7.75 -25.36 15.83
N ARG B 145 -6.86 -25.82 14.94
CA ARG B 145 -5.56 -26.35 15.44
C ARG B 145 -4.76 -25.36 16.23
N ARG B 146 -4.69 -24.13 15.73
CA ARG B 146 -3.92 -23.15 16.45
C ARG B 146 -4.59 -22.83 17.76
N LEU B 147 -5.92 -22.79 17.83
CA LEU B 147 -6.57 -22.47 19.13
C LEU B 147 -6.35 -23.60 20.12
N ARG B 148 -6.17 -24.80 19.63
CA ARG B 148 -5.95 -25.88 20.60
C ARG B 148 -4.58 -25.85 21.26
N GLY B 149 -3.67 -25.06 20.70
CA GLY B 149 -2.33 -24.98 21.29
C GLY B 149 -1.71 -26.33 21.62
N ARG B 150 -1.26 -26.49 22.86
CA ARG B 150 -0.64 -27.73 23.31
C ARG B 150 -1.55 -28.92 23.29
N GLY B 151 -2.85 -28.70 23.13
CA GLY B 151 -3.73 -29.85 23.08
C GLY B 151 -4.26 -30.23 24.47
N GLN B 152 -4.11 -29.35 25.43
CA GLN B 152 -4.55 -29.70 26.75
C GLN B 152 -5.89 -29.14 27.24
N ASP B 153 -6.63 -28.37 26.44
CA ASP B 153 -7.88 -27.83 26.94
C ASP B 153 -9.01 -28.72 26.62
N SER B 154 -10.10 -28.58 27.38
CA SER B 154 -11.23 -29.42 27.09
C SER B 154 -11.91 -28.97 25.83
N GLU B 155 -12.71 -29.85 25.25
CA GLU B 155 -13.45 -29.52 24.07
C GLU B 155 -14.34 -28.32 24.31
N GLU B 156 -14.94 -28.19 25.48
CA GLU B 156 -15.80 -27.03 25.64
C GLU B 156 -15.03 -25.74 25.68
N VAL B 157 -13.88 -25.77 26.29
CA VAL B 157 -13.09 -24.54 26.33
C VAL B 157 -12.66 -24.16 24.91
N ILE B 158 -12.30 -25.16 24.14
CA ILE B 158 -11.93 -24.89 22.74
C ILE B 158 -13.12 -24.32 21.99
N ALA B 159 -14.31 -24.85 22.25
CA ALA B 159 -15.46 -24.34 21.50
C ALA B 159 -15.74 -22.88 21.85
N LYS B 160 -15.54 -22.48 23.11
CA LYS B 160 -15.71 -21.11 23.46
C LYS B 160 -14.56 -20.31 22.80
N ARG B 161 -13.31 -20.81 22.77
CA ARG B 161 -12.29 -20.04 22.04
C ARG B 161 -12.69 -19.84 20.57
N ALA B 163 -15.75 -19.78 19.22
CA ALA B 163 -16.89 -18.83 19.14
C ALA B 163 -16.34 -17.41 19.32
N GLN B 164 -15.37 -17.24 20.21
CA GLN B 164 -14.80 -15.95 20.39
C GLN B 164 -14.01 -15.53 19.13
N ALA B 165 -13.25 -16.45 18.54
CA ALA B 165 -12.50 -16.13 17.36
C ALA B 165 -13.50 -15.74 16.25
N VAL B 166 -14.60 -16.47 16.12
CA VAL B 166 -15.56 -16.18 15.07
C VAL B 166 -16.19 -14.78 15.33
N ALA B 167 -16.34 -14.41 16.56
CA ALA B 167 -17.01 -13.16 16.83
C ALA B 167 -16.04 -12.00 16.46
N GLU B 168 -14.77 -12.21 16.71
CA GLU B 168 -13.76 -11.24 16.39
C GLU B 168 -13.66 -11.15 14.88
N SER B 170 -15.78 -11.61 12.72
CA SER B 170 -16.95 -11.11 12.00
C SER B 170 -16.82 -9.65 11.69
N HIS B 171 -15.87 -9.01 12.33
CA HIS B 171 -15.64 -7.60 12.13
C HIS B 171 -14.59 -7.28 11.14
N TYR B 172 -14.13 -8.27 10.38
CA TYR B 172 -13.01 -8.04 9.51
C TYR B 172 -13.19 -6.94 8.47
N ALA B 173 -14.40 -6.76 7.97
CA ALA B 173 -14.55 -5.77 6.88
C ALA B 173 -14.37 -4.34 7.32
N GLU B 174 -14.28 -4.10 8.61
CA GLU B 174 -14.06 -2.73 9.08
C GLU B 174 -12.62 -2.31 8.91
N TYR B 175 -11.75 -3.16 8.37
CA TYR B 175 -10.33 -2.80 8.37
C TYR B 175 -9.86 -2.41 7.00
N ASP B 176 -8.69 -1.80 6.92
CA ASP B 176 -8.21 -1.31 5.62
C ASP B 176 -7.49 -2.39 4.86
N TYR B 177 -6.84 -3.32 5.56
CA TYR B 177 -6.08 -4.38 4.90
C TYR B 177 -6.42 -5.69 5.59
N LEU B 178 -6.29 -6.78 4.84
CA LEU B 178 -6.52 -8.14 5.38
C LEU B 178 -5.28 -9.00 5.02
N ILE B 179 -4.72 -9.68 5.99
CA ILE B 179 -3.60 -10.58 5.68
C ILE B 179 -4.17 -11.98 6.05
N VAL B 180 -3.97 -12.99 5.24
CA VAL B 180 -4.47 -14.36 5.58
C VAL B 180 -3.13 -15.00 5.96
N ASN B 181 -2.91 -15.29 7.26
CA ASN B 181 -1.67 -15.84 7.69
C ASN B 181 -1.67 -17.36 7.64
N ASP B 182 -1.29 -17.88 6.50
CA ASP B 182 -1.21 -19.35 6.27
C ASP B 182 0.21 -19.66 6.65
N ASP B 183 1.16 -19.33 5.78
CA ASP B 183 2.59 -19.54 6.10
C ASP B 183 3.11 -18.32 6.82
N PHE B 184 3.70 -18.46 8.00
CA PHE B 184 4.12 -17.32 8.77
C PHE B 184 5.00 -16.32 8.02
N ASP B 185 6.08 -16.78 7.42
CA ASP B 185 6.94 -15.84 6.78
C ASP B 185 6.25 -15.13 5.64
N THR B 186 5.34 -15.79 4.93
CA THR B 186 4.60 -15.14 3.86
C THR B 186 3.74 -14.03 4.49
N ALA B 187 3.11 -14.31 5.63
CA ALA B 187 2.30 -13.30 6.28
C ALA B 187 3.15 -12.16 6.73
N LEU B 188 4.30 -12.44 7.31
CA LEU B 188 5.09 -11.38 7.81
C LEU B 188 5.61 -10.45 6.64
N THR B 189 5.91 -11.04 5.49
CA THR B 189 6.32 -10.27 4.31
C THR B 189 5.12 -9.39 3.89
N ASP B 190 3.92 -9.92 4.04
CA ASP B 190 2.72 -9.19 3.71
C ASP B 190 2.63 -7.96 4.60
N LEU B 191 2.91 -8.13 5.88
CA LEU B 191 2.87 -7.01 6.79
C LEU B 191 3.96 -6.01 6.46
N LYS B 192 5.15 -6.49 6.16
CA LYS B 192 6.19 -5.56 5.87
C LYS B 192 5.84 -4.88 4.55
N THR B 193 5.17 -5.58 3.66
CA THR B 193 4.78 -4.98 2.38
C THR B 193 3.81 -3.83 2.59
N ILE B 194 2.88 -3.98 3.52
CA ILE B 194 1.93 -2.94 3.79
C ILE B 194 2.64 -1.66 4.27
N ILE B 195 3.52 -1.85 5.21
CA ILE B 195 4.25 -0.77 5.79
C ILE B 195 5.18 -0.11 4.79
N ARG B 196 5.84 -0.92 3.98
CA ARG B 196 6.70 -0.32 2.97
C ARG B 196 5.91 0.48 1.94
N ALA B 197 4.83 -0.07 1.43
CA ALA B 197 4.01 0.62 0.48
C ALA B 197 3.47 1.88 1.03
N GLU B 198 2.99 1.84 2.27
CA GLU B 198 2.45 3.06 2.86
C GLU B 198 3.62 4.08 2.89
N ARG B 199 4.84 3.61 3.11
CA ARG B 199 5.93 4.59 3.14
C ARG B 199 6.29 5.09 1.72
N LEU B 200 5.86 4.41 0.66
CA LEU B 200 6.13 4.94 -0.69
C LEU B 200 5.05 5.96 -1.07
N ARG B 201 4.07 6.16 -0.21
CA ARG B 201 3.00 7.11 -0.59
C ARG B 201 3.60 8.53 -0.67
N SER B 203 2.67 11.58 0.29
CA SER B 203 2.82 12.53 1.39
C SER B 203 4.06 12.21 2.24
N ARG B 204 4.45 10.97 2.31
CA ARG B 204 5.64 10.66 3.12
C ARG B 204 6.91 10.80 2.27
N GLN B 205 6.84 10.34 1.03
CA GLN B 205 7.99 10.40 0.18
C GLN B 205 8.42 11.86 -0.16
N LYS B 206 7.48 12.80 -0.27
CA LYS B 206 7.91 14.12 -0.68
C LYS B 206 8.57 14.79 0.52
N GLN B 207 8.29 14.29 1.71
CA GLN B 207 8.90 14.86 2.88
C GLN B 207 10.29 14.21 3.05
N ARG B 208 10.31 12.90 2.96
CA ARG B 208 11.55 12.15 3.08
C ARG B 208 12.59 12.58 1.99
N HIS B 209 12.11 12.84 0.76
CA HIS B 209 13.02 13.19 -0.33
C HIS B 209 12.99 14.66 -0.64
N ASP B 210 12.59 15.45 0.36
CA ASP B 210 12.52 16.88 0.16
C ASP B 210 13.78 17.50 -0.44
N ALA B 211 14.95 17.23 0.17
CA ALA B 211 16.17 17.80 -0.34
C ALA B 211 16.51 17.29 -1.72
N LEU B 212 16.36 16.02 -1.94
CA LEU B 212 16.70 15.45 -3.25
C LEU B 212 15.82 16.02 -4.32
N ILE B 213 14.53 16.11 -4.08
CA ILE B 213 13.61 16.60 -5.13
C ILE B 213 13.99 18.08 -5.45
N SER B 214 14.27 18.83 -4.41
CA SER B 214 14.66 20.22 -4.66
C SER B 214 15.92 20.28 -5.54
N LYS B 215 16.84 19.36 -5.31
CA LYS B 215 18.08 19.34 -6.09
C LYS B 215 17.79 18.92 -7.49
N LEU B 216 16.89 17.96 -7.65
CA LEU B 216 16.58 17.48 -9.02
C LEU B 216 15.92 18.54 -9.84
N LEU B 217 15.15 19.41 -9.21
CA LEU B 217 14.44 20.40 -9.99
C LEU B 217 15.15 21.72 -10.18
N ALA B 218 16.27 21.92 -9.49
CA ALA B 218 17.04 23.15 -9.50
C ALA B 218 17.98 23.12 -10.69
#